data_5J5L
#
_entry.id   5J5L
#
_cell.length_a   124.374
_cell.length_b   124.374
_cell.length_c   124.374
_cell.angle_alpha   90.00
_cell.angle_beta   90.00
_cell.angle_gamma   90.00
#
_symmetry.space_group_name_H-M   'I 4 3 2'
#
loop_
_entity.id
_entity.type
_entity.pdbx_description
1 polymer 'Uncharacterized protein'
2 non-polymer 'ARACHIDONIC ACID'
3 water water
#
_entity_poly.entity_id   1
_entity_poly.type   'polypeptide(L)'
_entity_poly.pdbx_seq_one_letter_code
;MDAATILSDLSTIKTDINTLTQHFNEFTGDLLQALAAQAVEQQLESDIDQATADAKATSALSAADSTSVTNALLGLKPDI
VTSLDAIVAKKPQVDSAGVGSLVLSDLNALQSKTDALSGALQDIATATDKDTIASGTQDIDAAFSSAIAVFSLEHHHHHH
;
_entity_poly.pdbx_strand_id   A
#
# COMPACT_ATOMS: atom_id res chain seq x y z
N MET A 1 -13.59 0.29 13.40
CA MET A 1 -14.66 0.84 14.28
C MET A 1 -14.13 1.82 15.34
N ASP A 2 -12.84 1.75 15.62
CA ASP A 2 -12.19 2.69 16.53
C ASP A 2 -10.72 2.86 16.13
N ALA A 3 -10.02 3.74 16.82
CA ALA A 3 -8.64 4.08 16.45
C ALA A 3 -7.71 2.88 16.57
N ALA A 4 -7.86 2.12 17.66
CA ALA A 4 -6.99 0.95 17.86
C ALA A 4 -7.16 -0.05 16.72
N THR A 5 -8.40 -0.26 16.26
CA THR A 5 -8.65 -1.15 15.13
C THR A 5 -7.95 -0.67 13.86
N ILE A 6 -8.04 0.63 13.58
CA ILE A 6 -7.38 1.20 12.43
C ILE A 6 -5.85 1.00 12.56
N LEU A 7 -5.29 1.23 13.74
CA LEU A 7 -3.84 1.06 13.91
C LEU A 7 -3.41 -0.39 13.67
N SER A 8 -4.19 -1.33 14.21
CA SER A 8 -3.92 -2.74 13.99
C SER A 8 -4.02 -3.06 12.49
N ASP A 9 -5.03 -2.49 11.83
CA ASP A 9 -5.21 -2.69 10.38
C ASP A 9 -4.00 -2.19 9.60
N LEU A 10 -3.48 -1.03 9.98
CA LEU A 10 -2.34 -0.44 9.29
C LEU A 10 -1.07 -1.27 9.53
N SER A 11 -0.96 -1.86 10.70
CA SER A 11 0.21 -2.72 10.99
C SER A 11 0.18 -3.98 10.12
N THR A 12 -1.00 -4.55 9.96
CA THR A 12 -1.18 -5.72 9.11
C THR A 12 -0.78 -5.39 7.66
N ILE A 13 -1.17 -4.22 7.20
CA ILE A 13 -0.76 -3.74 5.88
C ILE A 13 0.77 -3.65 5.79
N LYS A 14 1.39 -3.06 6.80
CA LYS A 14 2.84 -2.93 6.84
C LYS A 14 3.50 -4.30 6.73
N THR A 15 3.01 -5.24 7.51
CA THR A 15 3.53 -6.61 7.45
C THR A 15 3.37 -7.22 6.06
N ASP A 16 2.20 -7.05 5.45
CA ASP A 16 1.94 -7.56 4.08
C ASP A 16 2.96 -7.00 3.08
N ILE A 17 3.19 -5.69 3.14
CA ILE A 17 4.10 -5.03 2.21
C ILE A 17 5.51 -5.59 2.35
N ASN A 18 5.97 -5.75 3.59
CA ASN A 18 7.33 -6.22 3.81
C ASN A 18 7.50 -7.67 3.39
N THR A 19 6.45 -8.46 3.54
CA THR A 19 6.44 -9.81 3.01
C THR A 19 6.52 -9.82 1.48
N LEU A 20 5.74 -8.98 0.83
CA LEU A 20 5.84 -8.86 -0.63
C LEU A 20 7.23 -8.52 -1.12
N THR A 21 7.86 -7.55 -0.46
CA THR A 21 9.20 -7.12 -0.79
C THR A 21 10.17 -8.29 -0.74
N GLN A 22 10.01 -9.12 0.29
CA GLN A 22 10.82 -10.34 0.40
C GLN A 22 10.64 -11.27 -0.78
N HIS A 23 9.39 -11.43 -1.23
CA HIS A 23 9.10 -12.20 -2.45
C HIS A 23 9.80 -11.60 -3.65
N PHE A 24 9.68 -10.29 -3.82
CA PHE A 24 10.28 -9.61 -4.99
C PHE A 24 11.77 -9.84 -5.06
N ASN A 25 12.45 -9.70 -3.93
CA ASN A 25 13.91 -9.83 -3.88
C ASN A 25 14.42 -11.24 -4.20
N GLU A 26 13.56 -12.24 -4.00
CA GLU A 26 13.86 -13.62 -4.35
C GLU A 26 13.41 -14.06 -5.76
N PHE A 27 12.65 -13.22 -6.47
CA PHE A 27 12.03 -13.60 -7.74
C PHE A 27 13.07 -13.91 -8.81
N THR A 28 12.94 -15.09 -9.43
CA THR A 28 13.83 -15.51 -10.51
C THR A 28 13.15 -15.59 -11.88
N GLY A 29 11.85 -15.28 -11.95
CA GLY A 29 11.06 -15.49 -13.15
C GLY A 29 10.13 -16.69 -13.08
N ASP A 30 10.29 -17.50 -12.04
CA ASP A 30 9.54 -18.74 -11.91
C ASP A 30 8.06 -18.44 -11.64
N LEU A 31 7.17 -19.14 -12.32
CA LEU A 31 5.74 -18.80 -12.25
C LEU A 31 5.09 -19.19 -10.90
N LEU A 32 5.60 -20.24 -10.24
CA LEU A 32 5.12 -20.61 -8.91
C LEU A 32 5.49 -19.53 -7.90
N GLN A 33 6.66 -18.92 -8.06
CA GLN A 33 7.03 -17.76 -7.23
C GLN A 33 6.04 -16.66 -7.43
N ALA A 34 5.71 -16.39 -8.69
CA ALA A 34 4.72 -15.37 -9.04
C ALA A 34 3.36 -15.63 -8.40
N LEU A 35 2.91 -16.88 -8.43
CA LEU A 35 1.65 -17.26 -7.80
C LEU A 35 1.70 -16.97 -6.30
N ALA A 36 2.81 -17.36 -5.67
CA ALA A 36 2.98 -17.15 -4.23
C ALA A 36 2.92 -15.67 -3.85
N ALA A 37 3.61 -14.85 -4.64
CA ALA A 37 3.60 -13.42 -4.41
C ALA A 37 2.21 -12.82 -4.66
N GLN A 38 1.52 -13.30 -5.70
CA GLN A 38 0.18 -12.78 -6.01
C GLN A 38 -0.81 -13.04 -4.87
N ALA A 39 -0.67 -14.19 -4.19
CA ALA A 39 -1.53 -14.50 -3.04
C ALA A 39 -1.33 -13.45 -1.93
N VAL A 40 -0.08 -13.08 -1.70
CA VAL A 40 0.22 -12.04 -0.70
C VAL A 40 -0.31 -10.70 -1.18
N GLU A 41 -0.15 -10.42 -2.46
CA GLU A 41 -0.66 -9.18 -3.02
C GLU A 41 -2.17 -9.06 -2.85
N GLN A 42 -2.88 -10.18 -3.01
CA GLN A 42 -4.34 -10.19 -2.90
C GLN A 42 -4.77 -10.02 -1.43
N GLN A 43 -3.99 -10.62 -0.53
CA GLN A 43 -4.17 -10.40 0.92
C GLN A 43 -3.98 -8.92 1.24
N LEU A 44 -2.96 -8.32 0.65
CA LEU A 44 -2.69 -6.90 0.85
C LEU A 44 -3.88 -6.05 0.39
N GLU A 45 -4.40 -6.35 -0.80
CA GLU A 45 -5.60 -5.65 -1.29
C GLU A 45 -6.77 -5.72 -0.29
N SER A 46 -7.01 -6.93 0.21
CA SER A 46 -8.09 -7.17 1.17
C SER A 46 -7.86 -6.38 2.46
N ASP A 47 -6.62 -6.38 2.93
CA ASP A 47 -6.26 -5.69 4.17
C ASP A 47 -6.38 -4.16 4.04
N ILE A 48 -6.06 -3.62 2.87
CA ILE A 48 -6.22 -2.19 2.64
C ILE A 48 -7.72 -1.86 2.65
N ASP A 49 -8.51 -2.67 1.95
CA ASP A 49 -9.97 -2.48 1.90
C ASP A 49 -10.58 -2.60 3.29
N GLN A 50 -10.04 -3.51 4.13
CA GLN A 50 -10.53 -3.64 5.50
C GLN A 50 -10.26 -2.38 6.31
N ALA A 51 -9.05 -1.84 6.17
CA ALA A 51 -8.68 -0.58 6.83
C ALA A 51 -9.60 0.57 6.42
N THR A 52 -9.88 0.66 5.12
CA THR A 52 -10.81 1.67 4.60
C THR A 52 -12.20 1.53 5.23
N ALA A 53 -12.71 0.31 5.29
CA ALA A 53 -14.03 0.07 5.88
C ALA A 53 -14.05 0.44 7.36
N ASP A 54 -13.00 0.08 8.07
CA ASP A 54 -12.90 0.41 9.49
C ASP A 54 -12.80 1.92 9.70
N ALA A 55 -12.07 2.60 8.84
CA ALA A 55 -11.95 4.06 8.92
C ALA A 55 -13.29 4.73 8.65
N LYS A 56 -14.02 4.23 7.65
CA LYS A 56 -15.36 4.75 7.34
C LYS A 56 -16.34 4.56 8.50
N ALA A 57 -16.09 3.56 9.33
CA ALA A 57 -16.95 3.28 10.48
C ALA A 57 -16.55 4.05 11.75
N THR A 58 -15.55 4.91 11.66
CA THR A 58 -14.91 5.53 12.83
C THR A 58 -15.26 7.02 12.96
N SER A 59 -15.44 7.49 14.20
CA SER A 59 -15.76 8.90 14.48
C SER A 59 -14.53 9.79 14.46
N ALA A 60 -14.75 11.10 14.31
CA ALA A 60 -13.66 12.08 14.34
C ALA A 60 -12.67 11.73 15.44
N LEU A 61 -11.40 11.63 15.07
CA LEU A 61 -10.40 11.12 15.98
C LEU A 61 -9.96 12.18 16.99
N SER A 62 -9.69 11.75 18.21
CA SER A 62 -9.02 12.60 19.19
C SER A 62 -7.68 13.10 18.60
N ALA A 63 -7.08 14.11 19.21
CA ALA A 63 -5.79 14.61 18.74
C ALA A 63 -4.71 13.52 18.79
N ALA A 64 -4.64 12.80 19.90
CA ALA A 64 -3.63 11.74 20.05
C ALA A 64 -3.87 10.61 19.04
N ASP A 65 -5.12 10.22 18.86
CA ASP A 65 -5.43 9.16 17.90
C ASP A 65 -5.18 9.57 16.45
N SER A 66 -5.52 10.82 16.13
CA SER A 66 -5.21 11.37 14.83
C SER A 66 -3.70 11.32 14.57
N THR A 67 -2.90 11.70 15.55
CA THR A 67 -1.43 11.65 15.39
C THR A 67 -1.00 10.22 15.16
N SER A 68 -1.55 9.30 15.94
CA SER A 68 -1.19 7.90 15.83
C SER A 68 -1.53 7.36 14.44
N VAL A 69 -2.73 7.63 13.94
CA VAL A 69 -3.15 7.12 12.62
C VAL A 69 -2.33 7.78 11.50
N THR A 70 -2.11 9.09 11.62
CA THR A 70 -1.30 9.83 10.64
C THR A 70 0.12 9.28 10.55
N ASN A 71 0.75 9.09 11.70
CA ASN A 71 2.10 8.57 11.70
C ASN A 71 2.21 7.14 11.21
N ALA A 72 1.18 6.33 11.51
CA ALA A 72 1.18 4.95 11.04
C ALA A 72 1.03 4.94 9.53
N LEU A 73 0.15 5.79 9.00
CA LEU A 73 -0.03 5.83 7.54
C LEU A 73 1.24 6.33 6.86
N LEU A 74 1.78 7.44 7.34
CA LEU A 74 3.01 8.01 6.78
C LEU A 74 4.19 7.07 6.91
N GLY A 75 4.22 6.30 8.01
CA GLY A 75 5.24 5.29 8.20
C GLY A 75 5.25 4.20 7.16
N LEU A 76 4.11 4.00 6.50
CA LEU A 76 4.08 3.08 5.35
C LEU A 76 4.86 3.58 4.13
N LYS A 77 5.08 4.89 4.02
CA LYS A 77 5.61 5.47 2.79
C LYS A 77 6.96 4.85 2.38
N PRO A 78 7.95 4.84 3.30
CA PRO A 78 9.22 4.24 2.88
C PRO A 78 9.12 2.74 2.57
N ASP A 79 8.22 2.04 3.25
CA ASP A 79 8.01 0.61 2.96
C ASP A 79 7.42 0.42 1.57
N ILE A 80 6.50 1.31 1.20
CA ILE A 80 5.88 1.25 -0.12
C ILE A 80 6.91 1.55 -1.21
N VAL A 81 7.70 2.62 -1.01
CA VAL A 81 8.73 2.97 -1.97
C VAL A 81 9.75 1.83 -2.12
N THR A 82 10.17 1.25 -1.00
CA THR A 82 11.10 0.12 -1.03
C THR A 82 10.50 -1.07 -1.81
N SER A 83 9.23 -1.35 -1.57
CA SER A 83 8.56 -2.48 -2.23
C SER A 83 8.42 -2.26 -3.71
N LEU A 84 8.00 -1.05 -4.09
CA LEU A 84 7.90 -0.69 -5.49
C LEU A 84 9.27 -0.74 -6.19
N ASP A 85 10.30 -0.24 -5.51
CA ASP A 85 11.67 -0.32 -6.06
C ASP A 85 12.05 -1.78 -6.32
N ALA A 86 11.67 -2.65 -5.40
CA ALA A 86 12.06 -4.07 -5.49
C ALA A 86 11.43 -4.81 -6.66
N ILE A 87 10.14 -4.55 -6.93
CA ILE A 87 9.49 -5.15 -8.11
C ILE A 87 10.01 -4.53 -9.41
N VAL A 88 10.23 -3.21 -9.42
CA VAL A 88 10.81 -2.54 -10.57
C VAL A 88 12.18 -3.16 -10.94
N ALA A 89 12.98 -3.44 -9.90
CA ALA A 89 14.31 -4.02 -10.07
C ALA A 89 14.26 -5.40 -10.74
N LYS A 90 13.11 -6.06 -10.61
CA LYS A 90 12.91 -7.38 -11.21
C LYS A 90 12.10 -7.32 -12.52
N LYS A 91 12.01 -6.14 -13.14
CA LYS A 91 11.35 -6.08 -14.45
C LYS A 91 11.85 -7.12 -15.48
N PRO A 92 13.19 -7.34 -15.57
CA PRO A 92 13.62 -8.39 -16.51
C PRO A 92 13.01 -9.76 -16.25
N GLN A 93 12.88 -10.12 -14.98
CA GLN A 93 12.30 -11.40 -14.56
C GLN A 93 10.81 -11.44 -14.81
N VAL A 94 10.15 -10.31 -14.57
CA VAL A 94 8.74 -10.18 -14.86
C VAL A 94 8.50 -10.37 -16.37
N ASP A 95 9.34 -9.75 -17.19
CA ASP A 95 9.21 -9.84 -18.65
C ASP A 95 9.44 -11.25 -19.14
N SER A 96 10.44 -11.92 -18.56
CA SER A 96 10.77 -13.28 -18.97
C SER A 96 9.67 -14.26 -18.54
N ALA A 97 9.00 -13.99 -17.43
CA ALA A 97 7.87 -14.78 -16.98
C ALA A 97 6.60 -14.45 -17.77
N GLY A 98 6.56 -13.27 -18.38
CA GLY A 98 5.41 -12.85 -19.20
C GLY A 98 4.26 -12.31 -18.37
N VAL A 99 4.53 -11.89 -17.14
CA VAL A 99 3.46 -11.48 -16.22
C VAL A 99 3.38 -9.97 -15.96
N GLY A 100 3.86 -9.17 -16.90
CA GLY A 100 3.81 -7.71 -16.77
C GLY A 100 2.39 -7.19 -16.57
N SER A 101 1.41 -7.77 -17.27
CA SER A 101 0.02 -7.30 -17.15
C SER A 101 -0.56 -7.55 -15.75
N LEU A 102 -0.12 -8.63 -15.10
CA LEU A 102 -0.51 -8.90 -13.74
C LEU A 102 0.06 -7.89 -12.73
N VAL A 103 1.35 -7.58 -12.87
CA VAL A 103 1.96 -6.54 -12.08
C VAL A 103 1.22 -5.21 -12.28
N LEU A 104 0.95 -4.86 -13.53
CA LEU A 104 0.29 -3.59 -13.85
C LEU A 104 -1.10 -3.56 -13.24
N SER A 105 -1.83 -4.67 -13.37
CA SER A 105 -3.20 -4.75 -12.82
C SER A 105 -3.16 -4.54 -11.31
N ASP A 106 -2.21 -5.20 -10.66
CA ASP A 106 -2.01 -5.11 -9.23
C ASP A 106 -1.66 -3.68 -8.82
N LEU A 107 -0.75 -3.05 -9.55
CA LEU A 107 -0.34 -1.67 -9.21
C LEU A 107 -1.53 -0.71 -9.27
N ASN A 108 -2.33 -0.82 -10.32
CA ASN A 108 -3.50 0.07 -10.45
C ASN A 108 -4.53 -0.17 -9.35
N ALA A 109 -4.78 -1.45 -9.01
CA ALA A 109 -5.68 -1.79 -7.90
C ALA A 109 -5.18 -1.25 -6.57
N LEU A 110 -3.90 -1.48 -6.31
CA LEU A 110 -3.31 -1.03 -5.05
C LEU A 110 -3.31 0.49 -4.91
N GLN A 111 -3.01 1.20 -6.00
CA GLN A 111 -3.06 2.64 -5.96
C GLN A 111 -4.49 3.10 -5.65
N SER A 112 -5.48 2.55 -6.36
CA SER A 112 -6.87 2.93 -6.13
C SER A 112 -7.30 2.69 -4.68
N LYS A 113 -6.96 1.51 -4.19
CA LYS A 113 -7.37 1.10 -2.84
C LYS A 113 -6.63 1.91 -1.76
N THR A 114 -5.36 2.19 -2.00
CA THR A 114 -4.56 3.01 -1.07
C THR A 114 -5.08 4.46 -1.06
N ASP A 115 -5.42 4.98 -2.24
CA ASP A 115 -5.99 6.33 -2.31
C ASP A 115 -7.30 6.42 -1.52
N ALA A 116 -8.14 5.39 -1.62
CA ALA A 116 -9.40 5.36 -0.91
C ALA A 116 -9.17 5.33 0.60
N LEU A 117 -8.18 4.53 1.02
CA LEU A 117 -7.83 4.45 2.43
C LEU A 117 -7.38 5.82 2.94
N SER A 118 -6.49 6.46 2.18
CA SER A 118 -5.99 7.77 2.59
C SER A 118 -7.13 8.78 2.71
N GLY A 119 -8.02 8.77 1.74
CA GLY A 119 -9.20 9.64 1.77
C GLY A 119 -10.05 9.45 3.01
N ALA A 120 -10.26 8.19 3.38
CA ALA A 120 -11.07 7.85 4.55
C ALA A 120 -10.38 8.27 5.87
N LEU A 121 -9.06 8.17 5.91
CA LEU A 121 -8.30 8.58 7.10
C LEU A 121 -8.24 10.10 7.20
N GLN A 122 -8.11 10.77 6.06
CA GLN A 122 -8.17 12.23 6.05
C GLN A 122 -9.48 12.71 6.62
N ASP A 123 -10.56 11.96 6.38
CA ASP A 123 -11.91 12.42 6.76
C ASP A 123 -12.06 12.49 8.27
N ILE A 124 -11.35 11.62 8.99
CA ILE A 124 -11.46 11.52 10.44
C ILE A 124 -10.28 12.12 11.24
N ALA A 125 -9.23 12.50 10.53
CA ALA A 125 -8.09 13.17 11.15
C ALA A 125 -8.39 14.63 11.49
N THR A 126 -7.56 15.21 12.36
CA THR A 126 -7.60 16.64 12.62
C THR A 126 -7.28 17.42 11.34
N ALA A 127 -7.70 18.68 11.31
CA ALA A 127 -7.50 19.51 10.13
C ALA A 127 -6.02 19.55 9.72
N THR A 128 -5.14 19.74 10.69
CA THR A 128 -3.70 19.74 10.43
C THR A 128 -3.19 18.38 9.93
N ASP A 129 -3.60 17.30 10.60
CA ASP A 129 -3.15 15.97 10.22
C ASP A 129 -3.65 15.57 8.83
N LYS A 130 -4.84 16.03 8.44
CA LYS A 130 -5.35 15.78 7.09
C LYS A 130 -4.39 16.30 6.02
N ASP A 131 -3.88 17.51 6.23
CA ASP A 131 -2.94 18.10 5.28
C ASP A 131 -1.67 17.26 5.20
N THR A 132 -1.18 16.82 6.35
CA THR A 132 0.00 15.96 6.43
C THR A 132 -0.21 14.64 5.70
N ILE A 133 -1.38 14.05 5.90
CA ILE A 133 -1.72 12.80 5.23
C ILE A 133 -1.80 13.00 3.71
N ALA A 134 -2.49 14.06 3.31
CA ALA A 134 -2.61 14.38 1.88
C ALA A 134 -1.23 14.54 1.24
N SER A 135 -0.33 15.25 1.91
CA SER A 135 1.03 15.45 1.41
C SER A 135 1.78 14.14 1.25
N GLY A 136 1.75 13.28 2.27
CA GLY A 136 2.37 11.96 2.18
C GLY A 136 1.74 11.08 1.09
N THR A 137 0.44 11.19 0.94
CA THR A 137 -0.26 10.43 -0.10
C THR A 137 0.14 10.86 -1.51
N GLN A 138 0.35 12.15 -1.71
CA GLN A 138 0.94 12.65 -2.98
C GLN A 138 2.24 11.92 -3.31
N ASP A 139 3.07 11.70 -2.30
CA ASP A 139 4.35 11.01 -2.48
C ASP A 139 4.16 9.53 -2.81
N ILE A 140 3.23 8.89 -2.11
CA ILE A 140 2.89 7.51 -2.37
C ILE A 140 2.35 7.37 -3.80
N ASP A 141 1.44 8.29 -4.18
CA ASP A 141 0.90 8.29 -5.54
C ASP A 141 1.98 8.49 -6.62
N ALA A 142 2.94 9.37 -6.36
CA ALA A 142 4.07 9.57 -7.27
C ALA A 142 4.84 8.27 -7.47
N ALA A 143 5.08 7.54 -6.38
CA ALA A 143 5.82 6.30 -6.45
C ALA A 143 5.06 5.23 -7.27
N PHE A 144 3.75 5.12 -7.04
CA PHE A 144 2.91 4.24 -7.84
C PHE A 144 2.98 4.63 -9.32
N SER A 145 2.88 5.93 -9.61
CA SER A 145 2.89 6.40 -11.01
C SER A 145 4.19 6.00 -11.70
N SER A 146 5.31 6.11 -11.00
CA SER A 146 6.59 5.72 -11.57
CA SER A 146 6.59 5.70 -11.57
C SER A 146 6.60 4.20 -11.89
N ALA A 147 6.21 3.37 -10.93
CA ALA A 147 6.18 1.92 -11.16
C ALA A 147 5.23 1.53 -12.27
N ILE A 148 4.06 2.15 -12.30
CA ILE A 148 3.11 1.93 -13.40
C ILE A 148 3.70 2.27 -14.75
N ALA A 149 4.40 3.40 -14.83
CA ALA A 149 5.04 3.81 -16.07
C ALA A 149 6.06 2.78 -16.50
N VAL A 150 6.84 2.27 -15.54
CA VAL A 150 7.82 1.23 -15.85
C VAL A 150 7.18 -0.02 -16.45
N PHE A 151 6.05 -0.45 -15.87
CA PHE A 151 5.38 -1.69 -16.27
C PHE A 151 4.31 -1.51 -17.37
N SER A 152 4.22 -0.31 -17.93
CA SER A 152 3.38 -0.10 -19.11
C SER A 152 4.14 0.61 -20.22
#